data_6ISN
#
_entry.id   6ISN
#
_cell.length_a   82.541
_cell.length_b   82.764
_cell.length_c   104.204
_cell.angle_alpha   90.00
_cell.angle_beta   90.00
_cell.angle_gamma   90.00
#
_symmetry.space_group_name_H-M   'P 21 21 21'
#
loop_
_entity.id
_entity.type
_entity.pdbx_description
1 polymer 'Phosphoglycerate mutase 1'
2 non-polymer 'CHLORIDE ION'
3 non-polymer '2-(N-MORPHOLINO)-ETHANESULFONIC ACID'
4 non-polymer 4-chloro-N-(3,4-dihydroxy-9,10-dioxo-9,10-dihydroanthracen-2-yl)benzene-1-sulfonamide
5 water water
#
_entity_poly.entity_id   1
_entity_poly.type   'polypeptide(L)'
_entity_poly.pdbx_seq_one_letter_code
;AAYKLVLIR(NEP)GESAWNLENRFSGWYDADLSPAGHEEAKRGGQALRDAGYEFDICFTSVQKRAIRTLWTVLDAIDQM
WLPVVRTWRLNERHYGGLTGLNKAETAAKHGEAQVKIWRRSYDVPPPPMEPDHPFYSNISKDRRYADLTEDQLPSCESLK
DTIARALPFWNEEIVPQIKEGKRVLIAAHGNSLRGIVKHLEGLSEEAIMELNLPTGIPIVYELDKNLKPIKPMQFLGD
;
_entity_poly.pdbx_strand_id   B,C
#
loop_
_chem_comp.id
_chem_comp.type
_chem_comp.name
_chem_comp.formula
AW6 non-polymer 4-chloro-N-(3,4-dihydroxy-9,10-dioxo-9,10-dihydroanthracen-2-yl)benzene-1-sulfonamide 'C20 H12 Cl N O6 S'
CL non-polymer 'CHLORIDE ION' 'Cl -1'
MES non-polymer '2-(N-MORPHOLINO)-ETHANESULFONIC ACID' 'C6 H13 N O4 S'
#
# COMPACT_ATOMS: atom_id res chain seq x y z
N ALA A 2 -17.39 21.86 -3.12
CA ALA A 2 -16.26 22.25 -2.29
C ALA A 2 -15.38 21.04 -1.99
N TYR A 3 -15.05 20.30 -3.04
CA TYR A 3 -14.15 19.16 -2.91
C TYR A 3 -12.79 19.60 -2.38
N LYS A 4 -12.15 18.72 -1.62
CA LYS A 4 -10.83 19.01 -1.10
C LYS A 4 -9.84 17.97 -1.59
N LEU A 5 -8.69 18.46 -2.08
CA LEU A 5 -7.69 17.62 -2.72
C LEU A 5 -6.33 17.96 -2.12
N VAL A 6 -5.56 16.94 -1.80
CA VAL A 6 -4.22 17.15 -1.23
C VAL A 6 -3.19 16.43 -2.08
N LEU A 7 -2.09 17.13 -2.36
CA LEU A 7 -0.99 16.58 -3.14
C LEU A 7 0.21 16.65 -2.23
N ILE A 8 1.12 15.70 -2.39
CA ILE A 8 2.40 15.79 -1.71
C ILE A 8 3.50 15.30 -2.63
N ARG A 9 4.60 16.06 -2.64
CA ARG A 9 5.75 15.77 -3.47
C ARG A 9 6.79 15.15 -2.55
N NEP A 10 7.33 13.98 -2.91
CA NEP A 10 8.30 13.31 -2.04
C NEP A 10 9.52 14.17 -1.84
O NEP A 10 9.83 15.03 -2.67
CB NEP A 10 8.71 11.97 -2.60
CG NEP A 10 9.52 12.06 -3.85
ND1 NEP A 10 10.85 12.45 -3.86
CD2 NEP A 10 9.20 11.85 -5.15
CE1 NEP A 10 11.30 12.47 -5.10
NE2 NEP A 10 10.32 12.11 -5.91
N GLY A 11 10.26 13.93 -0.77
CA GLY A 11 11.48 14.66 -0.51
C GLY A 11 12.72 14.01 -1.08
N GLU A 12 13.84 14.31 -0.44
CA GLU A 12 15.16 13.91 -0.91
C GLU A 12 15.31 12.41 -1.11
N SER A 13 16.03 12.03 -2.18
CA SER A 13 16.26 10.62 -2.46
C SER A 13 17.72 10.31 -2.20
N ALA A 14 18.04 9.03 -2.06
CA ALA A 14 19.41 8.61 -1.76
C ALA A 14 20.44 9.08 -2.79
N TRP A 15 21.68 9.25 -2.33
CA TRP A 15 22.84 9.46 -3.20
C TRP A 15 22.72 10.74 -4.04
N ASN A 16 22.03 11.75 -3.50
CA ASN A 16 21.85 13.04 -4.17
C ASN A 16 21.13 12.92 -5.51
N LEU A 17 20.38 11.83 -5.68
CA LEU A 17 19.78 11.55 -6.98
C LEU A 17 18.78 12.61 -7.47
N GLU A 18 18.13 13.33 -6.56
CA GLU A 18 17.20 14.38 -7.00
C GLU A 18 17.95 15.51 -7.71
N ASN A 19 19.25 15.64 -7.43
CA ASN A 19 20.10 16.55 -8.19
C ASN A 19 20.85 15.87 -9.32
N ARG A 20 20.43 14.65 -9.65
CA ARG A 20 21.10 13.88 -10.70
C ARG A 20 20.10 13.29 -11.68
N PHE A 21 19.02 14.01 -11.95
CA PHE A 21 18.00 13.56 -12.89
C PHE A 21 17.52 12.15 -12.60
N SER A 22 17.17 11.89 -11.34
CA SER A 22 16.75 10.53 -10.94
C SER A 22 15.74 9.93 -11.92
N GLY A 23 14.76 10.71 -12.35
CA GLY A 23 13.84 10.25 -13.39
C GLY A 23 13.18 8.91 -13.08
N TRP A 24 13.27 7.96 -14.03
CA TRP A 24 12.65 6.65 -13.85
C TRP A 24 13.49 5.65 -13.07
N TYR A 25 14.68 6.06 -12.65
CA TYR A 25 15.47 5.19 -11.78
C TYR A 25 14.82 5.14 -10.40
N ASP A 26 14.65 3.94 -9.85
CA ASP A 26 13.83 3.75 -8.64
C ASP A 26 14.62 3.98 -7.36
N ALA A 27 15.10 5.22 -7.19
CA ALA A 27 15.86 5.62 -6.01
C ALA A 27 14.97 5.63 -4.79
N ASP A 28 15.51 5.24 -3.64
CA ASP A 28 14.75 5.33 -2.40
C ASP A 28 14.90 6.72 -1.78
N LEU A 29 14.03 7.02 -0.82
CA LEU A 29 14.18 8.22 0.01
C LEU A 29 15.46 8.12 0.83
N SER A 30 16.14 9.26 1.05
CA SER A 30 17.19 9.29 2.04
C SER A 30 16.50 9.39 3.40
N PRO A 31 17.26 9.17 4.49
CA PRO A 31 16.66 9.34 5.82
C PRO A 31 16.06 10.74 5.97
N ALA A 32 16.70 11.75 5.39
CA ALA A 32 16.17 13.11 5.41
C ALA A 32 14.86 13.23 4.62
N GLY A 33 14.81 12.63 3.42
CA GLY A 33 13.60 12.62 2.64
C GLY A 33 12.47 11.91 3.39
N HIS A 34 12.85 10.89 4.14
CA HIS A 34 11.87 10.17 4.95
C HIS A 34 11.33 11.06 6.08
N GLU A 35 12.23 11.72 6.82
CA GLU A 35 11.81 12.67 7.86
C GLU A 35 10.88 13.76 7.33
N GLU A 36 11.18 14.30 6.15
CA GLU A 36 10.27 15.29 5.52
C GLU A 36 8.86 14.74 5.37
N ALA A 37 8.75 13.50 4.88
CA ALA A 37 7.45 12.88 4.71
C ALA A 37 6.75 12.75 6.08
N LYS A 38 7.51 12.37 7.08
CA LYS A 38 6.94 12.25 8.42
C LYS A 38 6.41 13.59 8.94
N ARG A 39 7.17 14.67 8.73
CA ARG A 39 6.71 16.01 9.11
C ARG A 39 5.41 16.37 8.38
N GLY A 40 5.37 16.14 7.07
CA GLY A 40 4.16 16.39 6.31
C GLY A 40 2.96 15.58 6.78
N GLY A 41 3.18 14.29 7.09
CA GLY A 41 2.10 13.47 7.59
C GLY A 41 1.62 14.02 8.93
N GLN A 42 2.57 14.45 9.74
CA GLN A 42 2.31 15.01 11.06
C GLN A 42 1.46 16.27 10.95
N ALA A 43 1.71 17.06 9.90
CA ALA A 43 0.95 18.27 9.63
C ALA A 43 -0.50 17.96 9.26
N LEU A 44 -0.68 16.92 8.45
CA LEU A 44 -2.01 16.47 8.07
C LEU A 44 -2.77 15.92 9.27
N ARG A 45 -2.05 15.28 10.19
CA ARG A 45 -2.73 14.74 11.37
C ARG A 45 -3.17 15.90 12.28
N ASP A 46 -2.22 16.74 12.66
CA ASP A 46 -2.53 17.93 13.47
C ASP A 46 -3.74 18.69 12.96
N ALA A 47 -3.98 18.63 11.65
CA ALA A 47 -5.07 19.35 11.01
C ALA A 47 -6.32 18.49 10.85
N GLY A 48 -6.24 17.24 11.30
CA GLY A 48 -7.37 16.33 11.27
C GLY A 48 -7.84 15.92 9.88
N TYR A 49 -6.93 15.84 8.92
CA TYR A 49 -7.34 15.47 7.57
C TYR A 49 -7.72 14.00 7.46
N GLU A 50 -8.78 13.71 6.71
CA GLU A 50 -9.16 12.35 6.43
C GLU A 50 -9.24 12.15 4.92
N PHE A 51 -8.87 10.96 4.46
CA PHE A 51 -8.94 10.63 3.04
C PHE A 51 -9.77 9.38 2.82
N ASP A 52 -10.18 9.15 1.57
CA ASP A 52 -10.93 7.95 1.24
C ASP A 52 -10.17 7.08 0.23
N ILE A 53 -9.23 7.68 -0.49
CA ILE A 53 -8.46 6.94 -1.48
C ILE A 53 -7.17 7.68 -1.81
N CYS A 54 -6.12 6.93 -2.13
CA CYS A 54 -4.81 7.54 -2.38
C CYS A 54 -4.27 7.05 -3.70
N PHE A 55 -3.58 7.94 -4.41
CA PHE A 55 -2.95 7.61 -5.68
C PHE A 55 -1.46 7.91 -5.59
N THR A 56 -0.64 7.04 -6.19
CA THR A 56 0.79 7.28 -6.22
C THR A 56 1.38 6.66 -7.49
N SER A 57 2.67 6.86 -7.70
CA SER A 57 3.37 6.27 -8.83
C SER A 57 3.76 4.83 -8.56
N VAL A 58 4.59 4.25 -9.43
CA VAL A 58 5.17 2.93 -9.15
C VAL A 58 6.62 3.07 -8.69
N GLN A 59 6.99 4.28 -8.26
CA GLN A 59 8.36 4.50 -7.78
C GLN A 59 8.43 4.54 -6.25
N LYS A 60 9.38 3.81 -5.67
CA LYS A 60 9.37 3.62 -4.22
C LYS A 60 9.51 4.92 -3.42
N ARG A 61 10.16 5.94 -3.98
CA ARG A 61 10.31 7.18 -3.21
C ARG A 61 8.97 7.90 -2.99
N ALA A 62 8.06 7.80 -3.96
CA ALA A 62 6.72 8.35 -3.77
C ALA A 62 5.87 7.42 -2.91
N ILE A 63 5.93 6.13 -3.21
CA ILE A 63 5.18 5.14 -2.42
C ILE A 63 5.57 5.18 -0.94
N ARG A 64 6.86 5.23 -0.64
CA ARG A 64 7.27 5.27 0.76
C ARG A 64 6.85 6.60 1.42
N THR A 65 6.81 7.67 0.63
CA THR A 65 6.26 8.93 1.12
C THR A 65 4.80 8.74 1.52
N LEU A 66 4.03 8.11 0.65
CA LEU A 66 2.64 7.84 0.97
C LEU A 66 2.50 6.97 2.21
N TRP A 67 3.27 5.89 2.29
CA TRP A 67 3.25 5.02 3.48
C TRP A 67 3.53 5.80 4.76
N THR A 68 4.54 6.66 4.71
CA THR A 68 4.93 7.45 5.88
C THR A 68 3.79 8.35 6.30
N VAL A 69 3.12 8.93 5.31
CA VAL A 69 2.00 9.81 5.59
C VAL A 69 0.81 9.07 6.18
N LEU A 70 0.41 7.97 5.54
CA LEU A 70 -0.68 7.14 6.02
C LEU A 70 -0.40 6.65 7.44
N ASP A 71 0.85 6.29 7.70
CA ASP A 71 1.25 5.82 9.02
C ASP A 71 1.00 6.96 10.03
N ALA A 72 1.50 8.15 9.71
CA ALA A 72 1.39 9.30 10.61
C ALA A 72 -0.05 9.70 10.92
N ILE A 73 -0.96 9.52 9.96
CA ILE A 73 -2.33 9.94 10.18
C ILE A 73 -3.28 8.79 10.52
N ASP A 74 -2.72 7.61 10.78
CA ASP A 74 -3.50 6.43 11.16
C ASP A 74 -4.55 6.03 10.11
N GLN A 75 -4.16 6.05 8.84
CA GLN A 75 -5.07 5.66 7.76
C GLN A 75 -4.41 4.68 6.81
N MET A 76 -3.65 3.73 7.39
CA MET A 76 -2.96 2.70 6.61
C MET A 76 -3.92 1.76 5.90
N TRP A 77 -5.19 1.81 6.30
CA TRP A 77 -6.22 0.94 5.74
C TRP A 77 -6.87 1.47 4.46
N LEU A 78 -6.57 2.70 4.08
CA LEU A 78 -7.14 3.28 2.86
C LEU A 78 -6.74 2.51 1.62
N PRO A 79 -7.65 2.43 0.64
CA PRO A 79 -7.27 1.88 -0.66
C PRO A 79 -6.20 2.75 -1.30
N VAL A 80 -5.21 2.10 -1.92
CA VAL A 80 -4.10 2.79 -2.54
C VAL A 80 -4.03 2.32 -4.00
N VAL A 81 -3.93 3.28 -4.93
CA VAL A 81 -3.78 2.94 -6.35
C VAL A 81 -2.44 3.47 -6.87
N ARG A 82 -1.65 2.57 -7.45
CA ARG A 82 -0.35 2.96 -8.01
C ARG A 82 -0.42 2.99 -9.55
N THR A 83 0.27 3.95 -10.18
CA THR A 83 0.29 3.99 -11.64
C THR A 83 1.60 4.55 -12.19
N TRP A 84 2.16 3.89 -13.20
CA TRP A 84 3.33 4.45 -13.90
C TRP A 84 3.06 5.86 -14.44
N ARG A 85 1.79 6.17 -14.72
CA ARG A 85 1.43 7.48 -15.25
C ARG A 85 1.73 8.65 -14.32
N LEU A 86 1.96 8.38 -13.04
CA LEU A 86 2.31 9.46 -12.11
C LEU A 86 3.82 9.47 -11.83
N ASN A 87 4.55 8.63 -12.55
CA ASN A 87 6.00 8.61 -12.43
C ASN A 87 6.60 9.97 -12.71
N GLU A 88 7.78 10.18 -12.14
CA GLU A 88 8.61 11.32 -12.47
C GLU A 88 8.87 11.35 -13.97
N ARG A 89 9.25 12.52 -14.46
CA ARG A 89 9.67 12.66 -15.85
C ARG A 89 10.83 11.69 -16.15
N HIS A 90 10.83 11.08 -17.34
CA HIS A 90 11.93 10.21 -17.75
C HIS A 90 12.99 11.08 -18.41
N TYR A 91 14.17 11.14 -17.80
CA TYR A 91 15.21 12.06 -18.27
C TYR A 91 16.17 11.44 -19.27
N GLY A 92 15.83 10.27 -19.78
CA GLY A 92 16.59 9.64 -20.85
C GLY A 92 18.05 9.45 -20.50
N GLY A 93 18.93 9.80 -21.44
CA GLY A 93 20.36 9.56 -21.26
C GLY A 93 20.98 10.39 -20.13
N LEU A 94 20.26 11.38 -19.65
CA LEU A 94 20.79 12.25 -18.59
C LEU A 94 20.59 11.62 -17.21
N THR A 95 19.72 10.61 -17.15
CA THR A 95 19.39 10.00 -15.86
C THR A 95 20.65 9.57 -15.11
N GLY A 96 20.80 10.06 -13.88
CA GLY A 96 21.91 9.68 -13.03
C GLY A 96 23.10 10.64 -13.08
N LEU A 97 23.10 11.57 -14.03
CA LEU A 97 24.25 12.47 -14.18
C LEU A 97 24.09 13.72 -13.33
N ASN A 98 25.17 14.17 -12.69
CA ASN A 98 25.10 15.45 -12.00
C ASN A 98 25.24 16.62 -13.00
N LYS A 99 25.13 17.85 -12.50
CA LYS A 99 25.18 19.05 -13.33
C LYS A 99 26.47 19.17 -14.16
N ALA A 100 27.59 18.91 -13.50
CA ALA A 100 28.90 18.99 -14.16
C ALA A 100 29.06 17.93 -15.25
N GLU A 101 28.57 16.72 -15.01
CA GLU A 101 28.69 15.64 -15.99
C GLU A 101 27.79 15.93 -17.20
N THR A 102 26.63 16.50 -16.93
CA THR A 102 25.68 16.80 -18.00
C THR A 102 26.27 17.88 -18.90
N ALA A 103 26.78 18.93 -18.28
CA ALA A 103 27.39 20.05 -19.02
C ALA A 103 28.61 19.59 -19.81
N ALA A 104 29.48 18.79 -19.19
CA ALA A 104 30.68 18.31 -19.84
C ALA A 104 30.35 17.45 -21.05
N LYS A 105 29.27 16.67 -20.95
CA LYS A 105 28.96 15.70 -21.99
C LYS A 105 28.21 16.30 -23.18
N HIS A 106 27.37 17.28 -22.91
CA HIS A 106 26.47 17.80 -23.93
C HIS A 106 26.68 19.28 -24.25
N GLY A 107 27.44 19.96 -23.40
CA GLY A 107 27.76 21.37 -23.60
C GLY A 107 26.74 22.31 -22.99
N GLU A 108 27.20 23.49 -22.61
CA GLU A 108 26.35 24.46 -21.91
C GLU A 108 25.20 24.94 -22.79
N ALA A 109 25.46 25.11 -24.08
CA ALA A 109 24.44 25.58 -25.00
C ALA A 109 23.23 24.64 -25.01
N GLN A 110 23.47 23.34 -25.23
CA GLN A 110 22.36 22.40 -25.37
C GLN A 110 21.61 22.23 -24.04
N VAL A 111 22.37 22.13 -22.96
CA VAL A 111 21.79 22.01 -21.63
C VAL A 111 20.85 23.18 -21.34
N LYS A 112 21.23 24.38 -21.77
CA LYS A 112 20.37 25.53 -21.54
C LYS A 112 19.07 25.38 -22.34
N ILE A 113 19.19 24.88 -23.57
CA ILE A 113 18.03 24.67 -24.41
C ILE A 113 17.06 23.64 -23.80
N TRP A 114 17.58 22.53 -23.30
CA TRP A 114 16.73 21.51 -22.69
C TRP A 114 16.02 22.05 -21.46
N ARG A 115 16.77 22.85 -20.69
CA ARG A 115 16.28 23.40 -19.43
C ARG A 115 15.09 24.33 -19.64
N ARG A 116 15.12 25.10 -20.72
CA ARG A 116 14.12 26.14 -20.92
C ARG A 116 12.99 25.71 -21.83
N SER A 117 13.13 24.51 -22.38
CA SER A 117 12.17 24.02 -23.35
C SER A 117 11.08 23.15 -22.74
N TYR A 118 9.86 23.35 -23.21
CA TYR A 118 8.72 22.59 -22.73
C TYR A 118 8.57 21.31 -23.53
N ASP A 119 9.06 21.33 -24.78
CA ASP A 119 8.75 20.25 -25.71
C ASP A 119 9.97 19.58 -26.35
N VAL A 120 11.16 19.84 -25.83
CA VAL A 120 12.33 19.15 -26.36
C VAL A 120 12.83 18.14 -25.35
N PRO A 121 12.86 16.86 -25.73
CA PRO A 121 13.27 15.82 -24.78
C PRO A 121 14.77 15.76 -24.70
N PRO A 122 15.31 15.19 -23.62
CA PRO A 122 16.73 14.88 -23.62
C PRO A 122 16.95 13.73 -24.58
N PRO A 123 18.21 13.32 -24.76
CA PRO A 123 18.49 12.19 -25.66
C PRO A 123 17.99 10.91 -25.01
N PRO A 124 17.68 9.91 -25.82
CA PRO A 124 17.18 8.63 -25.32
C PRO A 124 18.21 7.95 -24.46
N MET A 125 17.75 7.17 -23.49
CA MET A 125 18.65 6.34 -22.73
C MET A 125 19.02 5.18 -23.63
N GLU A 126 20.30 5.07 -23.95
CA GLU A 126 20.83 4.04 -24.84
C GLU A 126 21.24 2.77 -24.08
N PRO A 127 21.43 1.66 -24.80
CA PRO A 127 21.87 0.39 -24.22
C PRO A 127 23.17 0.45 -23.40
N ASP A 128 24.04 1.42 -23.66
CA ASP A 128 25.25 1.52 -22.84
C ASP A 128 25.05 2.26 -21.50
N HIS A 129 23.91 2.93 -21.36
CA HIS A 129 23.60 3.62 -20.10
C HIS A 129 23.50 2.62 -18.96
N PRO A 130 24.13 2.92 -17.82
CA PRO A 130 24.11 2.01 -16.67
C PRO A 130 22.69 1.65 -16.20
N PHE A 131 21.69 2.49 -16.46
CA PHE A 131 20.32 2.18 -16.05
C PHE A 131 19.45 1.57 -17.16
N TYR A 132 20.01 1.37 -18.36
CA TYR A 132 19.17 0.97 -19.50
C TYR A 132 18.31 -0.29 -19.27
N SER A 133 18.93 -1.40 -18.89
CA SER A 133 18.15 -2.62 -18.68
C SER A 133 17.38 -2.54 -17.36
N ASN A 134 18.00 -1.92 -16.37
CA ASN A 134 17.39 -1.70 -15.05
C ASN A 134 16.00 -1.06 -15.12
N ILE A 135 15.84 -0.07 -16.00
CA ILE A 135 14.55 0.59 -16.17
C ILE A 135 13.71 -0.05 -17.28
N SER A 136 14.28 -0.20 -18.47
CA SER A 136 13.47 -0.57 -19.64
C SER A 136 12.92 -1.99 -19.55
N LYS A 137 13.62 -2.87 -18.84
CA LYS A 137 13.20 -4.25 -18.71
C LYS A 137 12.65 -4.54 -17.32
N ASP A 138 12.43 -3.50 -16.53
CA ASP A 138 11.85 -3.69 -15.20
C ASP A 138 10.44 -4.27 -15.36
N ARG A 139 10.16 -5.33 -14.61
CA ARG A 139 8.91 -6.10 -14.67
C ARG A 139 7.65 -5.23 -14.50
N ARG A 140 7.78 -4.13 -13.76
CA ARG A 140 6.61 -3.30 -13.45
C ARG A 140 6.09 -2.61 -14.70
N TYR A 141 6.92 -2.53 -15.74
CA TYR A 141 6.48 -1.89 -16.98
C TYR A 141 6.23 -2.92 -18.09
N ALA A 142 6.16 -4.19 -17.70
CA ALA A 142 6.08 -5.28 -18.67
C ALA A 142 4.80 -5.22 -19.52
N ASP A 143 3.74 -4.63 -18.98
CA ASP A 143 2.48 -4.55 -19.72
C ASP A 143 2.38 -3.32 -20.63
N LEU A 144 3.33 -2.39 -20.54
CA LEU A 144 3.28 -1.19 -21.38
C LEU A 144 3.58 -1.52 -22.84
N THR A 145 2.87 -0.86 -23.75
CA THR A 145 3.13 -1.00 -25.17
C THR A 145 4.42 -0.27 -25.53
N GLU A 146 5.05 -0.63 -26.66
CA GLU A 146 6.30 0.00 -27.07
C GLU A 146 6.15 1.51 -27.20
N ASP A 147 4.96 1.95 -27.58
CA ASP A 147 4.64 3.38 -27.62
C ASP A 147 4.76 4.01 -26.23
N GLN A 148 4.21 3.33 -25.24
CA GLN A 148 3.95 3.89 -23.91
C GLN A 148 5.19 4.00 -23.05
N LEU A 149 6.11 3.06 -23.24
CA LEU A 149 7.32 3.00 -22.42
C LEU A 149 8.35 3.97 -22.98
N PRO A 150 8.62 5.07 -22.24
CA PRO A 150 9.48 6.13 -22.77
C PRO A 150 10.96 5.76 -22.74
N SER A 151 11.73 6.25 -23.70
CA SER A 151 13.18 6.20 -23.60
C SER A 151 13.66 7.57 -23.11
N CYS A 152 12.74 8.53 -23.12
CA CYS A 152 13.01 9.90 -22.69
C CYS A 152 11.72 10.70 -22.81
N GLU A 153 11.62 11.80 -22.08
CA GLU A 153 10.40 12.60 -22.12
C GLU A 153 10.73 14.08 -22.02
N SER A 154 10.04 14.91 -22.81
CA SER A 154 10.02 16.34 -22.58
C SER A 154 8.99 16.56 -21.48
N LEU A 155 8.95 17.75 -20.90
CA LEU A 155 7.93 18.01 -19.87
C LEU A 155 6.52 17.81 -20.46
N LYS A 156 6.36 18.20 -21.72
CA LYS A 156 5.10 18.01 -22.41
C LYS A 156 4.69 16.53 -22.46
N ASP A 157 5.64 15.65 -22.77
CA ASP A 157 5.38 14.21 -22.79
C ASP A 157 4.95 13.69 -21.41
N THR A 158 5.65 14.11 -20.36
CA THR A 158 5.32 13.68 -18.99
C THR A 158 3.89 14.07 -18.67
N ILE A 159 3.57 15.34 -18.87
CA ILE A 159 2.22 15.83 -18.64
C ILE A 159 1.17 15.12 -19.51
N ALA A 160 1.49 14.84 -20.77
CA ALA A 160 0.58 14.12 -21.66
C ALA A 160 0.19 12.72 -21.16
N ARG A 161 1.10 12.02 -20.48
CA ARG A 161 0.72 10.67 -20.03
C ARG A 161 0.16 10.62 -18.61
N ALA A 162 0.35 11.69 -17.85
CA ALA A 162 -0.23 11.78 -16.50
C ALA A 162 -1.71 12.18 -16.55
N LEU A 163 -2.05 13.10 -17.44
CA LEU A 163 -3.42 13.63 -17.50
C LEU A 163 -4.54 12.62 -17.80
N PRO A 164 -4.30 11.67 -18.71
CA PRO A 164 -5.32 10.65 -18.94
C PRO A 164 -5.64 9.88 -17.65
N PHE A 165 -4.67 9.72 -16.75
CA PHE A 165 -4.94 9.03 -15.49
C PHE A 165 -5.78 9.92 -14.59
N TRP A 166 -5.40 11.19 -14.52
CA TRP A 166 -6.17 12.17 -13.79
C TRP A 166 -7.64 12.16 -14.25
N ASN A 167 -7.85 12.31 -15.55
CA ASN A 167 -9.21 12.35 -16.09
C ASN A 167 -10.02 11.06 -15.92
N GLU A 168 -9.38 9.92 -16.16
CA GLU A 168 -10.10 8.65 -16.17
C GLU A 168 -10.22 7.97 -14.80
N GLU A 169 -9.32 8.28 -13.87
CA GLU A 169 -9.31 7.55 -12.60
C GLU A 169 -9.48 8.43 -11.38
N ILE A 170 -8.89 9.62 -11.39
CA ILE A 170 -8.92 10.46 -10.20
C ILE A 170 -10.18 11.35 -10.17
N VAL A 171 -10.44 12.01 -11.30
CA VAL A 171 -11.61 12.89 -11.42
C VAL A 171 -12.91 12.25 -10.93
N PRO A 172 -13.24 11.05 -11.43
CA PRO A 172 -14.48 10.37 -11.03
C PRO A 172 -14.58 10.19 -9.51
N GLN A 173 -13.45 9.92 -8.87
CA GLN A 173 -13.42 9.73 -7.43
C GLN A 173 -13.73 11.03 -6.71
N ILE A 174 -13.12 12.10 -7.19
CA ILE A 174 -13.34 13.42 -6.61
C ILE A 174 -14.81 13.83 -6.71
N LYS A 175 -15.41 13.57 -7.87
CA LYS A 175 -16.80 13.95 -8.12
C LYS A 175 -17.78 13.13 -7.28
N GLU A 176 -17.32 11.99 -6.77
CA GLU A 176 -18.14 11.16 -5.91
C GLU A 176 -17.98 11.55 -4.44
N GLY A 177 -17.28 12.66 -4.17
CA GLY A 177 -17.10 13.13 -2.81
C GLY A 177 -15.95 12.43 -2.09
N LYS A 178 -15.29 11.52 -2.80
CA LYS A 178 -14.13 10.83 -2.23
C LYS A 178 -13.03 11.85 -2.02
N ARG A 179 -12.45 11.85 -0.82
CA ARG A 179 -11.39 12.77 -0.49
C ARG A 179 -10.05 12.16 -0.89
N VAL A 180 -9.44 12.77 -1.90
CA VAL A 180 -8.27 12.18 -2.56
C VAL A 180 -6.94 12.71 -2.02
N LEU A 181 -5.97 11.82 -1.89
CA LEU A 181 -4.59 12.20 -1.60
C LEU A 181 -3.72 11.66 -2.73
N ILE A 182 -2.84 12.50 -3.26
CA ILE A 182 -1.92 12.08 -4.31
C ILE A 182 -0.48 12.30 -3.85
N ALA A 183 0.31 11.22 -3.84
CA ALA A 183 1.72 11.33 -3.48
C ALA A 183 2.55 11.00 -4.71
N ALA A 184 3.20 12.00 -5.28
CA ALA A 184 3.90 11.75 -6.54
C ALA A 184 5.16 12.60 -6.67
N HIS A 185 5.48 13.00 -7.88
CA HIS A 185 6.79 13.61 -8.15
C HIS A 185 6.60 15.04 -8.70
N GLY A 186 7.68 15.83 -8.70
CA GLY A 186 7.63 17.20 -9.19
C GLY A 186 6.92 17.35 -10.53
N ASN A 187 7.37 16.61 -11.54
CA ASN A 187 6.83 16.79 -12.89
C ASN A 187 5.46 16.19 -13.14
N SER A 188 5.11 15.09 -12.48
CA SER A 188 3.76 14.58 -12.64
C SER A 188 2.75 15.49 -11.93
N LEU A 189 3.13 16.02 -10.78
CA LEU A 189 2.26 16.97 -10.07
C LEU A 189 2.12 18.29 -10.87
N ARG A 190 3.19 18.68 -11.56
CA ARG A 190 3.11 19.86 -12.44
C ARG A 190 1.98 19.71 -13.45
N GLY A 191 1.84 18.52 -14.00
CA GLY A 191 0.81 18.27 -14.99
C GLY A 191 -0.59 18.48 -14.41
N ILE A 192 -0.81 17.98 -13.20
CA ILE A 192 -2.10 18.17 -12.52
C ILE A 192 -2.34 19.65 -12.19
N VAL A 193 -1.33 20.31 -11.64
CA VAL A 193 -1.45 21.71 -11.30
C VAL A 193 -1.66 22.60 -12.54
N LYS A 194 -1.03 22.24 -13.65
CA LYS A 194 -1.19 22.99 -14.89
C LYS A 194 -2.64 22.90 -15.38
N HIS A 195 -3.20 21.70 -15.33
CA HIS A 195 -4.58 21.47 -15.75
C HIS A 195 -5.59 22.10 -14.80
N LEU A 196 -5.34 22.00 -13.50
CA LEU A 196 -6.21 22.60 -12.49
C LEU A 196 -6.33 24.12 -12.67
N GLU A 197 -5.18 24.78 -12.73
CA GLU A 197 -5.13 26.24 -12.73
C GLU A 197 -5.06 26.82 -14.14
N GLY A 198 -5.04 25.95 -15.14
CA GLY A 198 -4.94 26.37 -16.54
C GLY A 198 -3.74 27.26 -16.83
N LEU A 199 -2.59 26.91 -16.24
CA LEU A 199 -1.37 27.66 -16.47
C LEU A 199 -0.83 27.45 -17.89
N SER A 200 0.06 28.35 -18.30
CA SER A 200 0.74 28.27 -19.57
C SER A 200 2.04 27.49 -19.41
N GLU A 201 2.60 27.03 -20.53
CA GLU A 201 3.86 26.30 -20.52
C GLU A 201 4.96 27.04 -19.77
N GLU A 202 5.09 28.34 -20.03
CA GLU A 202 6.10 29.15 -19.35
C GLU A 202 5.87 29.14 -17.85
N ALA A 203 4.62 29.30 -17.43
CA ALA A 203 4.30 29.35 -16.01
C ALA A 203 4.57 28.01 -15.31
N ILE A 204 4.19 26.91 -15.96
CA ILE A 204 4.39 25.61 -15.34
C ILE A 204 5.89 25.29 -15.19
N MET A 205 6.70 25.71 -16.16
CA MET A 205 8.15 25.48 -16.08
C MET A 205 8.82 26.28 -14.99
N GLU A 206 8.17 27.35 -14.54
CA GLU A 206 8.70 28.16 -13.44
C GLU A 206 8.13 27.72 -12.08
N LEU A 207 7.08 26.90 -12.11
CA LEU A 207 6.50 26.41 -10.87
C LEU A 207 7.33 25.31 -10.23
N ASN A 208 7.84 25.57 -9.02
CA ASN A 208 8.54 24.54 -8.26
C ASN A 208 7.81 24.16 -6.98
N LEU A 209 7.06 23.07 -7.03
CA LEU A 209 6.33 22.58 -5.86
C LEU A 209 7.31 22.21 -4.75
N PRO A 210 7.04 22.64 -3.52
CA PRO A 210 7.85 22.31 -2.35
C PRO A 210 7.68 20.82 -2.01
N THR A 211 8.68 20.24 -1.37
CA THR A 211 8.66 18.80 -1.07
C THR A 211 8.26 18.57 0.38
N GLY A 212 7.60 17.43 0.63
CA GLY A 212 7.27 17.04 2.00
C GLY A 212 6.20 17.87 2.68
N ILE A 213 5.59 18.80 1.95
CA ILE A 213 4.56 19.68 2.51
C ILE A 213 3.23 19.38 1.83
N PRO A 214 2.18 19.14 2.62
CA PRO A 214 0.87 18.91 2.00
C PRO A 214 0.43 20.14 1.24
N ILE A 215 -0.07 19.93 0.02
CA ILE A 215 -0.53 20.98 -0.86
C ILE A 215 -2.03 20.83 -1.01
N VAL A 216 -2.79 21.82 -0.53
CA VAL A 216 -4.25 21.69 -0.47
C VAL A 216 -4.97 22.50 -1.53
N TYR A 217 -5.90 21.84 -2.24
CA TYR A 217 -6.76 22.50 -3.21
C TYR A 217 -8.21 22.40 -2.78
N GLU A 218 -8.90 23.54 -2.82
CA GLU A 218 -10.34 23.56 -2.66
C GLU A 218 -10.95 23.74 -4.04
N LEU A 219 -11.71 22.74 -4.48
CA LEU A 219 -12.27 22.74 -5.82
C LEU A 219 -13.78 22.93 -5.79
N ASP A 220 -14.30 23.66 -6.78
CA ASP A 220 -15.76 23.80 -6.90
C ASP A 220 -16.34 22.62 -7.67
N LYS A 221 -17.62 22.73 -8.01
CA LYS A 221 -18.34 21.63 -8.67
C LYS A 221 -17.69 21.24 -9.99
N ASN A 222 -17.02 22.21 -10.63
CA ASN A 222 -16.38 21.95 -11.92
C ASN A 222 -14.89 21.61 -11.77
N LEU A 223 -14.49 21.28 -10.55
CA LEU A 223 -13.11 20.89 -10.29
C LEU A 223 -12.19 22.03 -10.64
N LYS A 224 -12.70 23.24 -10.46
CA LYS A 224 -11.89 24.44 -10.61
C LYS A 224 -11.58 24.98 -9.22
N PRO A 225 -10.32 25.36 -8.99
CA PRO A 225 -9.90 25.89 -7.70
C PRO A 225 -10.62 27.19 -7.37
N ILE A 226 -11.04 27.35 -6.13
CA ILE A 226 -11.77 28.54 -5.71
C ILE A 226 -10.83 29.51 -5.03
N LYS A 227 -9.63 29.02 -4.73
CA LYS A 227 -8.56 29.85 -4.19
C LYS A 227 -7.20 29.27 -4.59
N PRO A 228 -6.12 30.02 -4.35
CA PRO A 228 -4.77 29.53 -4.62
C PRO A 228 -4.40 28.36 -3.70
N MET A 229 -3.44 27.54 -4.12
CA MET A 229 -3.03 26.37 -3.34
C MET A 229 -2.55 26.78 -1.96
N GLN A 230 -2.89 25.98 -0.95
CA GLN A 230 -2.47 26.24 0.43
C GLN A 230 -1.48 25.18 0.89
N PHE A 231 -0.58 25.54 1.81
CA PHE A 231 0.38 24.61 2.38
C PHE A 231 0.11 24.40 3.87
N LEU A 232 0.37 23.19 4.38
CA LEU A 232 0.16 22.88 5.79
C LEU A 232 1.46 22.70 6.55
N GLY A 233 1.49 23.20 7.78
CA GLY A 233 2.67 23.13 8.62
C GLY A 233 2.81 24.39 9.44
N ASP A 234 3.96 24.58 10.06
CA ASP A 234 4.26 25.84 10.74
C ASP A 234 4.54 26.95 9.73
N ALA B 1 4.25 -27.00 -10.54
CA ALA B 1 2.80 -27.04 -10.67
C ALA B 1 2.27 -25.77 -11.32
N ALA B 2 0.98 -25.75 -11.64
CA ALA B 2 0.37 -24.64 -12.36
C ALA B 2 0.54 -23.31 -11.63
N TYR B 3 0.28 -23.31 -10.33
CA TYR B 3 0.21 -22.06 -9.57
C TYR B 3 1.00 -22.09 -8.27
N LYS B 4 1.36 -20.91 -7.78
CA LYS B 4 2.02 -20.78 -6.49
C LYS B 4 1.34 -19.69 -5.66
N LEU B 5 0.99 -20.02 -4.42
CA LEU B 5 0.34 -19.10 -3.51
C LEU B 5 1.17 -18.92 -2.24
N VAL B 6 1.39 -17.68 -1.81
CA VAL B 6 2.11 -17.44 -0.55
C VAL B 6 1.20 -16.74 0.47
N LEU B 7 1.17 -17.27 1.71
CA LEU B 7 0.41 -16.68 2.80
C LEU B 7 1.36 -16.23 3.90
N ILE B 8 0.99 -15.18 4.63
CA ILE B 8 1.78 -14.81 5.80
C ILE B 8 0.90 -14.21 6.88
N ARG B 9 1.03 -14.73 8.09
CA ARG B 9 0.31 -14.16 9.23
C ARG B 9 1.13 -12.98 9.72
N NEP B 10 0.45 -11.90 10.12
CA NEP B 10 1.12 -10.70 10.58
C NEP B 10 2.12 -11.04 11.67
O NEP B 10 2.01 -12.02 12.41
CB NEP B 10 0.18 -9.65 11.20
CG NEP B 10 -0.49 -10.22 12.40
ND1 NEP B 10 0.06 -10.14 13.69
CD2 NEP B 10 -1.71 -10.88 12.46
CE1 NEP B 10 -0.80 -10.74 14.51
NE2 NEP B 10 -1.93 -11.21 13.82
P NEP B 10 -3.19 -12.02 14.35
O1P NEP B 10 -3.09 -12.15 15.97
O2P NEP B 10 -3.36 -13.37 13.78
O3P NEP B 10 -4.47 -11.04 14.34
N GLY B 11 3.16 -10.22 11.77
CA GLY B 11 4.12 -10.40 12.85
C GLY B 11 3.49 -10.08 14.20
N GLU B 12 4.15 -10.50 15.27
CA GLU B 12 3.65 -10.27 16.64
C GLU B 12 3.21 -8.82 16.89
N SER B 13 2.03 -8.65 17.47
CA SER B 13 1.51 -7.31 17.74
C SER B 13 1.85 -6.87 19.17
N ALA B 14 1.66 -5.59 19.45
CA ALA B 14 1.83 -5.06 20.80
C ALA B 14 0.88 -5.74 21.80
N TRP B 15 -0.27 -6.19 21.34
CA TRP B 15 -1.22 -6.86 22.24
C TRP B 15 -0.97 -8.36 22.36
N ASN B 16 -0.32 -8.94 21.35
CA ASN B 16 0.07 -10.35 21.41
C ASN B 16 1.00 -10.51 22.60
N LEU B 17 1.88 -9.53 22.78
CA LEU B 17 2.76 -9.46 23.94
C LEU B 17 2.00 -9.45 25.26
N GLU B 18 1.05 -8.53 25.41
CA GLU B 18 0.31 -8.36 26.65
C GLU B 18 -0.75 -9.45 26.86
N ASN B 19 -0.83 -10.39 25.92
CA ASN B 19 -1.89 -11.41 25.96
C ASN B 19 -3.30 -10.85 26.10
N ARG B 20 -3.59 -9.77 25.37
CA ARG B 20 -4.93 -9.20 25.35
C ARG B 20 -5.58 -9.60 24.04
N PHE B 21 -6.88 -9.85 24.06
CA PHE B 21 -7.62 -10.16 22.85
C PHE B 21 -7.72 -8.91 22.00
N SER B 22 -7.11 -8.94 20.80
CA SER B 22 -7.20 -7.80 19.89
C SER B 22 -8.46 -7.88 19.04
N GLY B 23 -8.58 -8.96 18.28
CA GLY B 23 -9.71 -9.09 17.37
C GLY B 23 -9.69 -7.95 16.36
N TRP B 24 -10.79 -7.24 16.25
CA TRP B 24 -10.88 -6.13 15.31
C TRP B 24 -10.20 -4.87 15.82
N TYR B 25 -9.75 -4.90 17.07
CA TYR B 25 -8.95 -3.78 17.56
C TYR B 25 -7.67 -3.70 16.74
N ASP B 26 -7.28 -2.48 16.36
CA ASP B 26 -6.20 -2.29 15.38
C ASP B 26 -4.82 -2.16 16.01
N ALA B 27 -4.41 -3.17 16.77
CA ALA B 27 -3.10 -3.19 17.41
C ALA B 27 -1.95 -3.19 16.40
N ASP B 28 -0.90 -2.42 16.67
CA ASP B 28 0.25 -2.35 15.75
C ASP B 28 1.20 -3.51 16.01
N LEU B 29 2.17 -3.68 15.12
CA LEU B 29 3.26 -4.64 15.35
C LEU B 29 4.10 -4.20 16.54
N SER B 30 4.60 -5.17 17.30
CA SER B 30 5.64 -4.89 18.29
C SER B 30 6.96 -4.79 17.52
N PRO B 31 8.01 -4.22 18.14
CA PRO B 31 9.30 -4.21 17.44
C PRO B 31 9.76 -5.62 17.04
N ALA B 32 9.54 -6.61 17.89
CA ALA B 32 9.85 -7.98 17.53
C ALA B 32 9.01 -8.43 16.33
N GLY B 33 7.74 -8.05 16.32
CA GLY B 33 6.84 -8.43 15.25
C GLY B 33 7.34 -7.86 13.93
N HIS B 34 7.89 -6.65 13.98
CA HIS B 34 8.40 -6.01 12.79
C HIS B 34 9.60 -6.80 12.28
N GLU B 35 10.48 -7.21 13.19
CA GLU B 35 11.65 -8.02 12.81
C GLU B 35 11.26 -9.38 12.20
N GLU B 36 10.21 -10.01 12.73
CA GLU B 36 9.67 -11.23 12.16
C GLU B 36 9.25 -11.02 10.70
N ALA B 37 8.53 -9.93 10.44
CA ALA B 37 8.05 -9.67 9.08
C ALA B 37 9.23 -9.40 8.15
N LYS B 38 10.23 -8.70 8.68
CA LYS B 38 11.42 -8.41 7.90
C LYS B 38 12.19 -9.69 7.54
N ARG B 39 12.31 -10.60 8.50
CA ARG B 39 12.94 -11.90 8.24
C ARG B 39 12.15 -12.69 7.20
N GLY B 40 10.82 -12.69 7.35
CA GLY B 40 9.96 -13.32 6.37
C GLY B 40 10.23 -12.78 4.97
N GLY B 41 10.35 -11.46 4.87
CA GLY B 41 10.60 -10.83 3.59
C GLY B 41 11.95 -11.22 3.02
N GLN B 42 12.95 -11.27 3.88
CA GLN B 42 14.28 -11.66 3.45
C GLN B 42 14.34 -13.10 2.94
N ALA B 43 13.61 -13.99 3.59
CA ALA B 43 13.46 -15.37 3.11
C ALA B 43 12.84 -15.41 1.72
N LEU B 44 11.77 -14.64 1.52
CA LEU B 44 11.15 -14.56 0.21
C LEU B 44 12.12 -14.00 -0.83
N ARG B 45 12.90 -13.00 -0.42
CA ARG B 45 13.88 -12.39 -1.32
C ARG B 45 15.00 -13.37 -1.68
N ASP B 46 15.47 -14.13 -0.69
CA ASP B 46 16.56 -15.07 -0.91
C ASP B 46 16.13 -16.20 -1.86
N ALA B 47 14.87 -16.59 -1.81
CA ALA B 47 14.35 -17.64 -2.68
C ALA B 47 13.86 -17.09 -4.03
N GLY B 48 13.98 -15.78 -4.23
CA GLY B 48 13.62 -15.16 -5.49
C GLY B 48 12.14 -15.11 -5.80
N TYR B 49 11.29 -14.98 -4.77
CA TYR B 49 9.85 -14.89 -5.02
C TYR B 49 9.43 -13.58 -5.70
N GLU B 50 8.53 -13.69 -6.68
CA GLU B 50 7.95 -12.53 -7.36
C GLU B 50 6.44 -12.63 -7.26
N PHE B 51 5.77 -11.52 -6.97
CA PHE B 51 4.31 -11.52 -6.92
C PHE B 51 3.78 -10.52 -7.93
N ASP B 52 2.48 -10.63 -8.23
CA ASP B 52 1.80 -9.75 -9.17
C ASP B 52 0.72 -8.93 -8.47
N ILE B 53 0.24 -9.44 -7.33
CA ILE B 53 -0.81 -8.77 -6.58
C ILE B 53 -0.83 -9.24 -5.13
N CYS B 54 -1.20 -8.33 -4.22
CA CYS B 54 -1.21 -8.64 -2.78
C CYS B 54 -2.55 -8.36 -2.18
N PHE B 55 -2.96 -9.21 -1.24
CA PHE B 55 -4.19 -8.98 -0.50
C PHE B 55 -3.88 -8.88 0.99
N THR B 56 -4.62 -8.03 1.69
CA THR B 56 -4.43 -7.91 3.13
C THR B 56 -5.70 -7.42 3.77
N SER B 57 -5.73 -7.36 5.11
CA SER B 57 -6.91 -6.90 5.82
C SER B 57 -6.93 -5.39 5.90
N VAL B 58 -7.82 -4.83 6.75
CA VAL B 58 -7.77 -3.39 7.01
C VAL B 58 -7.15 -3.10 8.37
N GLN B 59 -6.44 -4.09 8.91
CA GLN B 59 -5.77 -3.92 10.18
C GLN B 59 -4.28 -3.71 10.00
N LYS B 60 -3.73 -2.73 10.69
CA LYS B 60 -2.37 -2.31 10.43
C LYS B 60 -1.34 -3.37 10.76
N ARG B 61 -1.63 -4.31 11.65
CA ARG B 61 -0.60 -5.31 11.94
C ARG B 61 -0.33 -6.20 10.71
N ALA B 62 -1.37 -6.45 9.93
CA ALA B 62 -1.20 -7.20 8.69
C ALA B 62 -0.67 -6.27 7.59
N ILE B 63 -1.21 -5.07 7.50
CA ILE B 63 -0.75 -4.14 6.47
C ILE B 63 0.73 -3.83 6.61
N ARG B 64 1.16 -3.52 7.84
CA ARG B 64 2.57 -3.23 8.07
C ARG B 64 3.46 -4.45 7.81
N THR B 65 2.94 -5.64 8.07
CA THR B 65 3.70 -6.85 7.74
C THR B 65 3.88 -6.94 6.22
N LEU B 66 2.82 -6.68 5.47
CA LEU B 66 2.91 -6.68 4.02
C LEU B 66 3.90 -5.61 3.55
N TRP B 67 3.78 -4.41 4.12
CA TRP B 67 4.68 -3.33 3.72
C TRP B 67 6.13 -3.73 3.93
N THR B 68 6.41 -4.36 5.07
CA THR B 68 7.76 -4.77 5.41
C THR B 68 8.24 -5.84 4.43
N VAL B 69 7.37 -6.79 4.10
CA VAL B 69 7.73 -7.80 3.12
C VAL B 69 8.03 -7.16 1.75
N LEU B 70 7.13 -6.29 1.27
CA LEU B 70 7.30 -5.68 -0.05
C LEU B 70 8.59 -4.89 -0.13
N ASP B 71 8.95 -4.25 0.96
CA ASP B 71 10.18 -3.47 1.06
C ASP B 71 11.36 -4.44 0.93
N ALA B 72 11.33 -5.54 1.67
CA ALA B 72 12.43 -6.51 1.63
C ALA B 72 12.63 -7.16 0.27
N ILE B 73 11.53 -7.41 -0.45
CA ILE B 73 11.65 -8.07 -1.75
C ILE B 73 11.69 -7.09 -2.93
N ASP B 74 11.80 -5.79 -2.62
CA ASP B 74 11.82 -4.71 -3.64
C ASP B 74 10.64 -4.77 -4.61
N GLN B 75 9.44 -5.01 -4.08
CA GLN B 75 8.21 -5.01 -4.87
C GLN B 75 7.14 -4.08 -4.30
N MET B 76 7.57 -2.91 -3.82
CA MET B 76 6.66 -1.93 -3.24
C MET B 76 5.69 -1.39 -4.27
N TRP B 77 6.03 -1.56 -5.55
CA TRP B 77 5.18 -1.11 -6.66
C TRP B 77 3.98 -2.00 -6.96
N LEU B 78 3.86 -3.14 -6.31
CA LEU B 78 2.74 -4.06 -6.59
C LEU B 78 1.40 -3.47 -6.20
N PRO B 79 0.33 -3.82 -6.95
CA PRO B 79 -0.99 -3.40 -6.49
C PRO B 79 -1.34 -4.15 -5.22
N VAL B 80 -2.02 -3.45 -4.31
CA VAL B 80 -2.38 -4.01 -3.03
C VAL B 80 -3.87 -3.81 -2.86
N VAL B 81 -4.57 -4.87 -2.47
CA VAL B 81 -6.01 -4.76 -2.21
C VAL B 81 -6.27 -5.05 -0.72
N ARG B 82 -6.99 -4.15 -0.04
CA ARG B 82 -7.30 -4.32 1.39
C ARG B 82 -8.77 -4.67 1.55
N THR B 83 -9.10 -5.57 2.48
CA THR B 83 -10.50 -5.91 2.76
C THR B 83 -10.71 -6.31 4.22
N TRP B 84 -11.80 -5.80 4.80
CA TRP B 84 -12.23 -6.18 6.15
C TRP B 84 -12.47 -7.67 6.21
N ARG B 85 -12.78 -8.26 5.07
CA ARG B 85 -13.06 -9.68 5.03
C ARG B 85 -11.86 -10.56 5.40
N LEU B 86 -10.66 -10.02 5.37
CA LEU B 86 -9.50 -10.80 5.78
C LEU B 86 -9.09 -10.45 7.21
N ASN B 87 -9.93 -9.67 7.88
CA ASN B 87 -9.67 -9.26 9.27
C ASN B 87 -9.57 -10.47 10.20
N GLU B 88 -8.90 -10.27 11.33
CA GLU B 88 -8.86 -11.25 12.40
C GLU B 88 -10.29 -11.53 12.88
N ARG B 89 -10.48 -12.70 13.52
CA ARG B 89 -11.76 -12.99 14.17
C ARG B 89 -12.18 -11.88 15.13
N HIS B 90 -13.47 -11.55 15.15
CA HIS B 90 -13.98 -10.51 16.05
C HIS B 90 -14.28 -11.15 17.41
N TYR B 91 -13.50 -10.80 18.44
CA TYR B 91 -13.61 -11.49 19.73
C TYR B 91 -14.69 -10.93 20.67
N GLY B 92 -15.54 -10.06 20.15
CA GLY B 92 -16.68 -9.57 20.90
C GLY B 92 -16.29 -8.98 22.24
N GLY B 93 -17.03 -9.32 23.29
CA GLY B 93 -16.77 -8.79 24.61
C GLY B 93 -15.39 -9.10 25.19
N LEU B 94 -14.72 -10.11 24.66
CA LEU B 94 -13.38 -10.43 25.14
C LEU B 94 -12.33 -9.42 24.67
N THR B 95 -12.69 -8.61 23.67
CA THR B 95 -11.75 -7.65 23.11
C THR B 95 -11.17 -6.75 24.19
N GLY B 96 -9.84 -6.69 24.27
CA GLY B 96 -9.20 -5.81 25.23
C GLY B 96 -8.90 -6.46 26.57
N LEU B 97 -9.47 -7.65 26.81
CA LEU B 97 -9.20 -8.35 28.06
C LEU B 97 -7.98 -9.21 27.90
N ASN B 98 -7.23 -9.39 28.98
CA ASN B 98 -6.15 -10.34 28.94
C ASN B 98 -6.61 -11.68 29.50
N LYS B 99 -5.67 -12.61 29.59
CA LYS B 99 -5.87 -13.99 30.04
C LYS B 99 -6.50 -14.06 31.44
N ALA B 100 -5.96 -13.25 32.35
CA ALA B 100 -6.43 -13.23 33.73
C ALA B 100 -7.84 -12.67 33.83
N GLU B 101 -8.08 -11.53 33.19
CA GLU B 101 -9.39 -10.88 33.27
C GLU B 101 -10.48 -11.78 32.66
N THR B 102 -10.09 -12.53 31.64
CA THR B 102 -11.01 -13.41 30.92
C THR B 102 -11.43 -14.58 31.83
N ALA B 103 -10.45 -15.22 32.47
CA ALA B 103 -10.76 -16.33 33.37
C ALA B 103 -11.49 -15.81 34.61
N ALA B 104 -11.11 -14.63 35.08
CA ALA B 104 -11.73 -14.06 36.28
C ALA B 104 -13.21 -13.83 36.02
N LYS B 105 -13.54 -13.27 34.85
CA LYS B 105 -14.92 -12.91 34.59
C LYS B 105 -15.77 -14.12 34.18
N HIS B 106 -15.17 -15.05 33.45
CA HIS B 106 -15.95 -16.12 32.81
C HIS B 106 -15.70 -17.53 33.36
N GLY B 107 -14.64 -17.70 34.15
CA GLY B 107 -14.30 -19.03 34.64
C GLY B 107 -13.52 -19.87 33.64
N GLU B 108 -12.67 -20.76 34.14
CA GLU B 108 -11.81 -21.57 33.27
C GLU B 108 -12.64 -22.49 32.36
N ALA B 109 -13.77 -22.95 32.87
CA ALA B 109 -14.63 -23.88 32.14
C ALA B 109 -15.17 -23.26 30.85
N GLN B 110 -15.82 -22.11 30.99
CA GLN B 110 -16.29 -21.37 29.83
C GLN B 110 -15.18 -21.03 28.84
N VAL B 111 -14.04 -20.56 29.35
CA VAL B 111 -12.91 -20.26 28.48
C VAL B 111 -12.47 -21.51 27.70
N LYS B 112 -12.43 -22.66 28.37
CA LYS B 112 -12.06 -23.92 27.70
C LYS B 112 -12.99 -24.19 26.53
N ILE B 113 -14.29 -24.06 26.79
CA ILE B 113 -15.33 -24.29 25.80
C ILE B 113 -15.21 -23.37 24.59
N TRP B 114 -15.05 -22.08 24.83
CA TRP B 114 -14.85 -21.11 23.74
C TRP B 114 -13.63 -21.50 22.94
N ARG B 115 -12.58 -21.88 23.65
CA ARG B 115 -11.30 -22.19 23.04
C ARG B 115 -11.39 -23.34 22.03
N ARG B 116 -12.19 -24.35 22.38
CA ARG B 116 -12.24 -25.59 21.62
C ARG B 116 -13.44 -25.66 20.68
N SER B 117 -14.26 -24.62 20.68
CA SER B 117 -15.49 -24.65 19.88
C SER B 117 -15.30 -24.01 18.50
N TYR B 118 -15.95 -24.60 17.49
CA TYR B 118 -15.84 -24.12 16.12
C TYR B 118 -16.90 -23.08 15.83
N ASP B 119 -18.06 -23.24 16.46
CA ASP B 119 -19.23 -22.47 16.10
C ASP B 119 -19.85 -21.69 17.26
N VAL B 120 -19.28 -21.82 18.45
CA VAL B 120 -19.78 -21.02 19.57
C VAL B 120 -19.00 -19.70 19.66
N PRO B 121 -19.70 -18.57 19.53
CA PRO B 121 -19.05 -17.25 19.60
C PRO B 121 -18.85 -16.82 21.04
N PRO B 122 -17.88 -15.92 21.28
CA PRO B 122 -17.77 -15.29 22.59
C PRO B 122 -18.90 -14.28 22.74
N PRO B 123 -19.03 -13.66 23.93
CA PRO B 123 -20.13 -12.71 24.15
C PRO B 123 -20.02 -11.53 23.19
N PRO B 124 -21.16 -10.94 22.83
CA PRO B 124 -21.16 -9.77 21.94
C PRO B 124 -20.52 -8.55 22.57
N MET B 125 -19.85 -7.75 21.73
CA MET B 125 -19.39 -6.44 22.15
C MET B 125 -20.59 -5.50 22.12
N GLU B 126 -21.08 -5.10 23.30
CA GLU B 126 -22.22 -4.18 23.38
C GLU B 126 -21.72 -2.75 23.54
N PRO B 127 -22.63 -1.76 23.39
CA PRO B 127 -22.32 -0.32 23.39
C PRO B 127 -21.51 0.17 24.59
N ASP B 128 -21.64 -0.48 25.74
CA ASP B 128 -20.90 -0.03 26.92
C ASP B 128 -19.49 -0.61 26.95
N HIS B 129 -19.15 -1.45 25.98
CA HIS B 129 -17.79 -1.97 25.91
C HIS B 129 -16.83 -0.82 25.67
N PRO B 130 -15.64 -0.83 26.31
CA PRO B 130 -14.76 0.31 26.11
C PRO B 130 -14.18 0.42 24.69
N PHE B 131 -14.25 -0.65 23.90
CA PHE B 131 -13.75 -0.58 22.52
C PHE B 131 -14.88 -0.57 21.50
N TYR B 132 -16.11 -0.39 21.97
CA TYR B 132 -17.25 -0.44 21.07
C TYR B 132 -17.18 0.63 19.99
N SER B 133 -17.04 1.89 20.39
CA SER B 133 -16.98 2.97 19.41
C SER B 133 -15.70 2.86 18.57
N ASN B 134 -14.57 2.61 19.21
CA ASN B 134 -13.29 2.47 18.53
C ASN B 134 -13.31 1.48 17.38
N ILE B 135 -14.10 0.43 17.50
CA ILE B 135 -14.21 -0.56 16.44
C ILE B 135 -15.50 -0.38 15.66
N SER B 136 -16.63 -0.46 16.35
CA SER B 136 -17.94 -0.44 15.70
C SER B 136 -18.23 0.84 14.92
N LYS B 137 -17.68 1.97 15.36
CA LYS B 137 -17.94 3.25 14.68
C LYS B 137 -16.75 3.74 13.86
N ASP B 138 -15.78 2.87 13.60
CA ASP B 138 -14.64 3.28 12.77
C ASP B 138 -15.09 3.43 11.32
N ARG B 139 -14.78 4.55 10.70
CA ARG B 139 -15.30 4.83 9.36
C ARG B 139 -14.83 3.82 8.30
N ARG B 140 -13.79 3.05 8.62
CA ARG B 140 -13.32 2.05 7.65
C ARG B 140 -14.38 0.95 7.45
N TYR B 141 -15.35 0.88 8.36
CA TYR B 141 -16.41 -0.11 8.24
C TYR B 141 -17.72 0.55 7.79
N ALA B 142 -17.63 1.80 7.36
CA ALA B 142 -18.80 2.60 6.99
C ALA B 142 -19.67 2.00 5.89
N ASP B 143 -19.09 1.16 5.04
CA ASP B 143 -19.85 0.61 3.90
C ASP B 143 -20.43 -0.77 4.18
N LEU B 144 -20.12 -1.34 5.33
CA LEU B 144 -20.68 -2.63 5.72
C LEU B 144 -22.17 -2.50 6.02
N THR B 145 -22.95 -3.47 5.56
CA THR B 145 -24.38 -3.51 5.88
C THR B 145 -24.54 -3.77 7.38
N GLU B 146 -25.79 -3.72 7.84
CA GLU B 146 -26.08 -3.93 9.25
C GLU B 146 -25.70 -5.34 9.71
N ASP B 147 -25.79 -6.31 8.79
CA ASP B 147 -25.56 -7.71 9.16
C ASP B 147 -24.13 -8.18 8.90
N GLN B 148 -23.31 -7.33 8.29
CA GLN B 148 -21.93 -7.70 8.01
C GLN B 148 -21.01 -7.32 9.16
N LEU B 149 -21.35 -6.22 9.82
CA LEU B 149 -20.59 -5.70 10.95
C LEU B 149 -20.89 -6.52 12.20
N PRO B 150 -19.96 -7.40 12.58
CA PRO B 150 -20.17 -8.36 13.68
C PRO B 150 -20.05 -7.70 15.06
N SER B 151 -20.77 -8.23 16.05
CA SER B 151 -20.55 -7.85 17.43
C SER B 151 -19.68 -8.90 18.07
N CYS B 152 -19.56 -10.04 17.38
CA CYS B 152 -18.73 -11.16 17.82
C CYS B 152 -18.71 -12.20 16.71
N GLU B 153 -17.73 -13.09 16.74
CA GLU B 153 -17.65 -14.12 15.72
C GLU B 153 -17.19 -15.42 16.32
N SER B 154 -17.84 -16.51 15.92
CA SER B 154 -17.25 -17.82 16.07
C SER B 154 -16.22 -17.96 14.97
N LEU B 155 -15.37 -18.98 15.07
CA LEU B 155 -14.45 -19.26 13.98
C LEU B 155 -15.23 -19.53 12.69
N LYS B 156 -16.40 -20.14 12.82
CA LYS B 156 -17.26 -20.41 11.68
C LYS B 156 -17.72 -19.13 10.99
N ASP B 157 -18.11 -18.13 11.78
CA ASP B 157 -18.52 -16.83 11.26
C ASP B 157 -17.36 -16.19 10.49
N THR B 158 -16.17 -16.24 11.10
CA THR B 158 -14.96 -15.66 10.49
C THR B 158 -14.67 -16.28 9.12
N ILE B 159 -14.54 -17.60 9.09
CA ILE B 159 -14.33 -18.29 7.83
C ILE B 159 -15.46 -18.00 6.84
N ALA B 160 -16.68 -17.88 7.36
CA ALA B 160 -17.87 -17.63 6.54
C ALA B 160 -17.81 -16.30 5.79
N ARG B 161 -17.19 -15.29 6.37
CA ARG B 161 -17.08 -14.01 5.68
C ARG B 161 -15.74 -13.81 4.98
N ALA B 162 -14.77 -14.69 5.24
CA ALA B 162 -13.49 -14.65 4.54
C ALA B 162 -13.55 -15.36 3.19
N LEU B 163 -14.17 -16.53 3.16
CA LEU B 163 -14.19 -17.35 1.94
C LEU B 163 -14.84 -16.68 0.72
N PRO B 164 -15.88 -15.86 0.94
CA PRO B 164 -16.48 -15.18 -0.21
C PRO B 164 -15.47 -14.27 -0.89
N PHE B 165 -14.62 -13.59 -0.12
CA PHE B 165 -13.57 -12.78 -0.73
C PHE B 165 -12.59 -13.66 -1.49
N TRP B 166 -12.20 -14.78 -0.87
CA TRP B 166 -11.31 -15.73 -1.53
C TRP B 166 -11.87 -16.20 -2.87
N ASN B 167 -13.12 -16.65 -2.87
CA ASN B 167 -13.75 -17.18 -4.08
C ASN B 167 -14.00 -16.12 -5.14
N GLU B 168 -14.50 -14.96 -4.70
CA GLU B 168 -14.93 -13.91 -5.62
C GLU B 168 -13.81 -13.00 -6.09
N GLU B 169 -12.83 -12.72 -5.24
CA GLU B 169 -11.77 -11.77 -5.60
C GLU B 169 -10.38 -12.37 -5.79
N ILE B 170 -10.03 -13.37 -4.99
CA ILE B 170 -8.68 -13.93 -5.08
C ILE B 170 -8.55 -15.09 -6.08
N VAL B 171 -9.47 -16.04 -6.04
CA VAL B 171 -9.42 -17.20 -6.94
C VAL B 171 -9.27 -16.82 -8.43
N PRO B 172 -10.08 -15.87 -8.90
CA PRO B 172 -10.00 -15.45 -10.31
C PRO B 172 -8.61 -14.90 -10.66
N GLN B 173 -8.01 -14.12 -9.76
CA GLN B 173 -6.67 -13.61 -10.00
C GLN B 173 -5.65 -14.73 -10.16
N ILE B 174 -5.76 -15.74 -9.29
CA ILE B 174 -4.84 -16.86 -9.34
C ILE B 174 -5.01 -17.58 -10.68
N LYS B 175 -6.26 -17.81 -11.07
CA LYS B 175 -6.52 -18.55 -12.31
C LYS B 175 -6.16 -17.72 -13.54
N GLU B 176 -6.11 -16.41 -13.36
CA GLU B 176 -5.59 -15.49 -14.37
C GLU B 176 -4.06 -15.54 -14.42
N GLY B 177 -3.47 -16.35 -13.55
CA GLY B 177 -2.02 -16.53 -13.58
C GLY B 177 -1.26 -15.58 -12.67
N LYS B 178 -1.97 -14.73 -11.95
CA LYS B 178 -1.31 -13.77 -11.05
C LYS B 178 -0.68 -14.50 -9.88
N ARG B 179 0.54 -14.12 -9.53
CA ARG B 179 1.18 -14.70 -8.36
C ARG B 179 0.76 -13.91 -7.11
N VAL B 180 -0.01 -14.56 -6.25
CA VAL B 180 -0.67 -13.87 -5.15
C VAL B 180 0.11 -13.98 -3.82
N LEU B 181 0.16 -12.84 -3.12
CA LEU B 181 0.63 -12.77 -1.74
C LEU B 181 -0.53 -12.32 -0.86
N ILE B 182 -0.83 -13.07 0.19
CA ILE B 182 -1.86 -12.68 1.14
C ILE B 182 -1.22 -12.48 2.51
N ALA B 183 -1.29 -11.25 3.06
CA ALA B 183 -0.74 -10.97 4.38
C ALA B 183 -1.91 -10.69 5.30
N ALA B 184 -2.17 -11.59 6.25
CA ALA B 184 -3.40 -11.42 7.02
C ALA B 184 -3.28 -11.95 8.46
N HIS B 185 -4.29 -12.67 8.92
CA HIS B 185 -4.38 -13.03 10.35
C HIS B 185 -4.60 -14.53 10.52
N GLY B 186 -4.22 -15.08 11.68
CA GLY B 186 -4.31 -16.51 11.92
C GLY B 186 -5.65 -17.11 11.53
N ASN B 187 -6.72 -16.49 12.00
CA ASN B 187 -8.06 -17.05 11.81
C ASN B 187 -8.65 -16.83 10.41
N SER B 188 -8.33 -15.71 9.77
CA SER B 188 -8.77 -15.52 8.38
C SER B 188 -7.96 -16.41 7.44
N LEU B 189 -6.67 -16.57 7.69
CA LEU B 189 -5.89 -17.52 6.91
C LEU B 189 -6.32 -18.99 7.15
N ARG B 190 -6.86 -19.27 8.33
CA ARG B 190 -7.35 -20.61 8.64
C ARG B 190 -8.45 -20.99 7.68
N GLY B 191 -9.31 -20.03 7.37
CA GLY B 191 -10.42 -20.28 6.47
C GLY B 191 -9.93 -20.68 5.09
N ILE B 192 -8.89 -20.00 4.62
CA ILE B 192 -8.30 -20.31 3.34
C ILE B 192 -7.64 -21.69 3.35
N VAL B 193 -6.89 -21.97 4.41
CA VAL B 193 -6.21 -23.26 4.50
C VAL B 193 -7.21 -24.41 4.61
N LYS B 194 -8.30 -24.17 5.34
CA LYS B 194 -9.33 -25.20 5.52
C LYS B 194 -9.95 -25.56 4.17
N HIS B 195 -10.15 -24.54 3.33
CA HIS B 195 -10.79 -24.72 2.04
C HIS B 195 -9.82 -25.35 1.04
N LEU B 196 -8.57 -24.90 1.03
CA LEU B 196 -7.57 -25.48 0.15
C LEU B 196 -7.38 -26.97 0.42
N GLU B 197 -7.22 -27.32 1.69
CA GLU B 197 -6.93 -28.70 2.06
C GLU B 197 -8.18 -29.50 2.46
N GLY B 198 -9.35 -28.87 2.36
CA GLY B 198 -10.60 -29.49 2.80
C GLY B 198 -10.49 -30.14 4.17
N LEU B 199 -10.01 -29.37 5.15
CA LEU B 199 -9.78 -29.89 6.49
C LEU B 199 -11.06 -29.90 7.31
N SER B 200 -11.07 -30.75 8.33
CA SER B 200 -12.22 -30.89 9.22
C SER B 200 -12.21 -29.74 10.24
N GLU B 201 -13.34 -29.51 10.89
CA GLU B 201 -13.44 -28.44 11.89
C GLU B 201 -12.41 -28.60 13.02
N GLU B 202 -12.13 -29.83 13.42
CA GLU B 202 -11.18 -30.08 14.50
C GLU B 202 -9.75 -29.90 14.04
N ALA B 203 -9.47 -30.30 12.81
CA ALA B 203 -8.12 -30.19 12.27
C ALA B 203 -7.71 -28.71 12.15
N ILE B 204 -8.65 -27.88 11.71
CA ILE B 204 -8.37 -26.47 11.49
C ILE B 204 -8.13 -25.76 12.84
N MET B 205 -8.84 -26.19 13.88
CA MET B 205 -8.65 -25.58 15.20
C MET B 205 -7.34 -26.00 15.86
N GLU B 206 -6.74 -27.07 15.37
CA GLU B 206 -5.44 -27.50 15.88
C GLU B 206 -4.30 -26.86 15.10
N LEU B 207 -4.65 -26.16 14.03
CA LEU B 207 -3.66 -25.53 13.18
C LEU B 207 -3.20 -24.21 13.77
N ASN B 208 -1.92 -24.14 14.14
CA ASN B 208 -1.37 -22.88 14.59
C ASN B 208 -0.43 -22.29 13.54
N LEU B 209 -0.85 -21.16 12.99
CA LEU B 209 -0.02 -20.44 12.04
C LEU B 209 0.78 -19.42 12.82
N PRO B 210 2.11 -19.53 12.72
CA PRO B 210 3.14 -18.69 13.35
C PRO B 210 3.19 -17.28 12.77
N THR B 211 3.37 -16.27 13.62
CA THR B 211 3.42 -14.89 13.19
C THR B 211 4.61 -14.62 12.27
N GLY B 212 4.35 -14.01 11.11
CA GLY B 212 5.42 -13.50 10.26
C GLY B 212 6.21 -14.50 9.44
N ILE B 213 5.80 -15.76 9.43
CA ILE B 213 6.50 -16.76 8.62
C ILE B 213 5.73 -17.04 7.33
N PRO B 214 6.39 -16.89 6.18
CA PRO B 214 5.73 -17.11 4.89
C PRO B 214 5.39 -18.58 4.71
N ILE B 215 4.21 -18.83 4.16
CA ILE B 215 3.73 -20.17 3.94
C ILE B 215 3.47 -20.34 2.45
N VAL B 216 4.08 -21.35 1.85
CA VAL B 216 3.98 -21.56 0.40
C VAL B 216 3.09 -22.74 0.03
N TYR B 217 2.21 -22.52 -0.94
CA TYR B 217 1.38 -23.58 -1.52
C TYR B 217 1.69 -23.73 -3.00
N GLU B 218 1.86 -24.98 -3.43
CA GLU B 218 1.94 -25.29 -4.86
C GLU B 218 0.61 -25.89 -5.25
N LEU B 219 -0.09 -25.23 -6.17
CA LEU B 219 -1.48 -25.57 -6.48
C LEU B 219 -1.62 -26.03 -7.92
N ASP B 220 -2.53 -26.99 -8.14
CA ASP B 220 -2.87 -27.36 -9.51
C ASP B 220 -3.91 -26.38 -10.02
N LYS B 221 -4.34 -26.56 -11.27
CA LYS B 221 -5.20 -25.57 -11.92
C LYS B 221 -6.57 -25.45 -11.28
N ASN B 222 -6.94 -26.47 -10.51
CA ASN B 222 -8.19 -26.40 -9.76
C ASN B 222 -7.91 -25.91 -8.34
N LEU B 223 -6.70 -25.42 -8.12
CA LEU B 223 -6.30 -24.85 -6.83
C LEU B 223 -6.23 -25.89 -5.72
N LYS B 224 -6.03 -27.15 -6.10
CA LYS B 224 -5.73 -28.19 -5.11
C LYS B 224 -4.23 -28.26 -4.85
N PRO B 225 -3.82 -28.25 -3.56
CA PRO B 225 -2.39 -28.34 -3.28
C PRO B 225 -1.84 -29.66 -3.79
N ILE B 226 -0.63 -29.68 -4.33
CA ILE B 226 -0.03 -30.91 -4.79
C ILE B 226 0.88 -31.48 -3.71
N LYS B 227 1.14 -30.67 -2.69
CA LYS B 227 1.88 -31.13 -1.52
C LYS B 227 1.56 -30.27 -0.27
N PRO B 228 2.06 -30.70 0.89
CA PRO B 228 1.86 -29.97 2.15
C PRO B 228 2.42 -28.54 2.07
N MET B 229 1.83 -27.63 2.83
CA MET B 229 2.35 -26.28 2.95
C MET B 229 3.81 -26.34 3.40
N GLN B 230 4.63 -25.41 2.93
CA GLN B 230 6.02 -25.32 3.35
C GLN B 230 6.27 -23.97 4.00
N PHE B 231 6.88 -24.00 5.19
CA PHE B 231 7.29 -22.78 5.87
C PHE B 231 8.60 -22.29 5.27
N LEU B 232 8.72 -20.98 5.08
CA LEU B 232 9.90 -20.43 4.44
C LEU B 232 10.73 -19.66 5.46
N GLY B 233 12.04 -19.90 5.47
CA GLY B 233 12.92 -19.26 6.43
C GLY B 233 14.21 -20.02 6.67
N ASP B 234 14.99 -19.53 7.64
CA ASP B 234 16.27 -20.11 8.03
C ASP B 234 16.28 -21.64 8.07
CL CL C . -0.09 0.00 -0.04
O1 MES D . -5.73 -17.34 20.73
C2 MES D . -6.15 -16.11 21.32
C3 MES D . -6.07 -14.94 20.34
N4 MES D . -4.79 -14.96 19.66
C5 MES D . -4.24 -16.23 19.17
C6 MES D . -4.36 -17.25 20.30
C7 MES D . -4.41 -13.76 18.91
C8 MES D . -5.71 -13.08 18.53
S MES D . -5.52 -11.43 18.53
O1S MES D . -4.24 -11.04 17.91
O2S MES D . -6.66 -10.82 17.82
O3S MES D . -5.58 -10.99 19.93
N AW6 E . -4.66 -19.48 25.82
C AW6 E . -3.66 -16.22 24.93
O AW6 E . -5.42 -18.08 27.85
C01 AW6 E . -12.23 -17.95 21.73
C02 AW6 E . -12.41 -17.49 23.04
C03 AW6 E . -11.37 -17.61 23.96
C04 AW6 E . -10.13 -18.18 23.56
C05 AW6 E . -9.95 -18.63 22.28
C06 AW6 E . -11.02 -18.52 21.34
C07 AW6 E . -9.08 -18.28 24.50
C08 AW6 E . -7.84 -18.85 24.12
C09 AW6 E . -7.64 -19.31 22.85
C10 AW6 E . -8.70 -19.20 21.89
C11 AW6 E . -6.82 -18.93 25.08
C12 AW6 E . -5.60 -19.47 24.75
C13 AW6 E . -5.36 -19.95 23.44
C14 AW6 E . -6.38 -19.88 22.49
O01 AW6 E . -8.51 -19.61 20.76
O02 AW6 E . -9.23 -17.88 25.64
O03 AW6 E . -6.21 -20.34 21.16
O04 AW6 E . -4.11 -20.52 23.09
S AW6 E . -4.48 -18.10 26.76
C15 AW6 E . -4.62 -16.56 25.87
O05 AW6 E . -3.21 -18.12 27.43
C16 AW6 E . -5.66 -15.67 26.12
C17 AW6 E . -5.73 -14.46 25.42
C18 AW6 E . -4.77 -14.16 24.48
C19 AW6 E . -3.74 -15.04 24.22
CL AW6 E . -4.81 -12.68 23.55
H08 AW6 E . -4.16 -20.22 26.01
H AW6 E . -2.92 -16.85 24.74
H01 AW6 E . -12.97 -17.89 21.08
H02 AW6 E . -13.27 -17.10 23.31
H03 AW6 E . -11.49 -17.28 24.87
H04 AW6 E . -10.90 -18.84 20.42
H05 AW6 E . -6.98 -18.60 25.99
H06 AW6 E . -5.35 -20.50 21.01
H07 AW6 E . -3.98 -20.43 22.22
H09 AW6 E . -6.34 -15.88 26.79
H10 AW6 E . -6.47 -13.84 25.59
H11 AW6 E . -3.06 -14.81 23.55
#